data_5D9X
#
_entry.id   5D9X
#
_cell.length_a   46.890
_cell.length_b   47.600
_cell.length_c   51.790
_cell.angle_alpha   90.00
_cell.angle_beta   107.00
_cell.angle_gamma   90.00
#
_symmetry.space_group_name_H-M   'P 1 21 1'
#
loop_
_entity.id
_entity.type
_entity.pdbx_description
1 polymer 'Dehydroascorbate reductase'
2 non-polymer GLUTATHIONE
3 non-polymer 'CALCIUM ION'
4 water water
#
_entity_poly.entity_id   1
_entity_poly.type   'polypeptide(L)'
_entity_poly.pdbx_seq_one_letter_code
;MHHHHHHASENLYFQGAMGVEVCVKAAVGHPDTLGDSPFSQRVLLTLEEKKVPYEMKLIDVQNKPDWFLKISPEGKVPVF
NGGDGKWIPDSDVITQVIEEKYPTPSLVTPPEYASVGSKIFSCFTTFLKSKDPNDGSEKALLTELQALEEHLKAHGPFIN
GQNISAADLSLAPKLYHLQVALEHFKGWKIPEDLTNVHAYTEALFSRESFIKTKAAKEHLIAGWAPKVNA
;
_entity_poly.pdbx_strand_id   A
#
# COMPACT_ATOMS: atom_id res chain seq x y z
N GLY A 19 -17.80 -17.29 0.34
CA GLY A 19 -17.58 -16.04 1.06
C GLY A 19 -16.12 -15.61 1.09
N VAL A 20 -15.85 -14.40 0.61
CA VAL A 20 -14.49 -13.90 0.48
C VAL A 20 -13.97 -13.42 1.83
N GLU A 21 -12.74 -13.79 2.16
CA GLU A 21 -12.17 -13.50 3.47
C GLU A 21 -10.73 -13.08 3.27
N VAL A 22 -10.24 -12.15 4.07
CA VAL A 22 -8.83 -11.77 4.01
C VAL A 22 -8.31 -11.62 5.43
N CYS A 23 -7.13 -12.19 5.69
CA CYS A 23 -6.41 -11.94 6.92
C CYS A 23 -5.39 -10.85 6.70
N VAL A 24 -5.36 -9.87 7.62
CA VAL A 24 -4.40 -8.73 7.49
C VAL A 24 -3.82 -8.41 8.85
N LYS A 25 -2.67 -7.74 8.86
CA LYS A 25 -1.99 -7.40 10.10
C LYS A 25 -2.76 -6.35 10.89
N ALA A 26 -2.86 -6.56 12.21
CA ALA A 26 -3.42 -5.56 13.11
C ALA A 26 -2.37 -4.52 13.51
N ALA A 27 -2.82 -3.36 14.00
CA ALA A 27 -1.92 -2.33 14.50
C ALA A 27 -1.06 -2.89 15.64
N VAL A 28 0.22 -2.51 15.68
CA VAL A 28 1.09 -2.99 16.76
C VAL A 28 0.50 -2.64 18.13
N GLY A 29 0.37 -3.63 19.00
CA GLY A 29 -0.18 -3.36 20.33
C GLY A 29 -1.69 -3.24 20.43
N HIS A 30 -2.39 -3.33 19.30
CA HIS A 30 -3.84 -3.13 19.26
C HIS A 30 -4.50 -4.14 18.33
N PRO A 31 -4.77 -5.33 18.86
CA PRO A 31 -5.14 -6.50 18.06
C PRO A 31 -6.46 -6.35 17.34
N ASP A 32 -7.34 -5.46 17.79
CA ASP A 32 -8.61 -5.34 17.09
C ASP A 32 -8.71 -4.07 16.26
N THR A 33 -7.55 -3.51 15.94
CA THR A 33 -7.46 -2.30 15.13
C THR A 33 -6.65 -2.57 13.86
N LEU A 34 -7.08 -1.99 12.73
CA LEU A 34 -6.40 -2.23 11.47
C LEU A 34 -4.95 -1.77 11.49
N GLY A 35 -4.06 -2.59 10.93
CA GLY A 35 -2.65 -2.27 10.88
C GLY A 35 -2.27 -1.54 9.61
N ASP A 36 -0.97 -1.49 9.34
CA ASP A 36 -0.46 -0.58 8.31
C ASP A 36 0.28 -1.23 7.14
N SER A 37 0.10 -2.53 6.90
CA SER A 37 0.80 -3.14 5.76
C SER A 37 0.31 -2.56 4.43
N PRO A 38 1.22 -2.02 3.61
CA PRO A 38 0.75 -1.48 2.34
C PRO A 38 0.30 -2.58 1.38
N PHE A 39 0.78 -3.79 1.63
CA PHE A 39 0.47 -4.93 0.76
C PHE A 39 -0.96 -5.43 1.05
N SER A 40 -1.23 -5.55 2.34
CA SER A 40 -2.61 -5.82 2.74
C SER A 40 -3.52 -4.69 2.32
N GLN A 41 -3.07 -3.44 2.47
CA GLN A 41 -3.99 -2.36 2.10
C GLN A 41 -4.29 -2.42 0.61
N ARG A 42 -3.30 -2.79 -0.21
CA ARG A 42 -3.54 -2.97 -1.66
C ARG A 42 -4.69 -3.95 -1.92
N VAL A 43 -4.65 -5.09 -1.22
CA VAL A 43 -5.74 -6.08 -1.34
C VAL A 43 -7.08 -5.48 -0.89
N LEU A 44 -7.12 -4.83 0.28
CA LEU A 44 -8.38 -4.28 0.79
C LEU A 44 -8.95 -3.21 -0.14
N LEU A 45 -8.06 -2.37 -0.67
CA LEU A 45 -8.50 -1.36 -1.63
C LEU A 45 -9.09 -1.98 -2.87
N THR A 46 -8.48 -3.07 -3.31
CA THR A 46 -8.98 -3.75 -4.51
C THR A 46 -10.41 -4.26 -4.28
N LEU A 47 -10.62 -4.90 -3.14
CA LEU A 47 -11.98 -5.40 -2.82
C LEU A 47 -12.98 -4.25 -2.67
N GLU A 48 -12.57 -3.21 -1.95
CA GLU A 48 -13.44 -2.06 -1.77
C GLU A 48 -13.84 -1.40 -3.09
N GLU A 49 -12.86 -1.14 -3.96
CA GLU A 49 -13.14 -0.50 -5.24
C GLU A 49 -13.99 -1.38 -6.14
N LYS A 50 -13.77 -2.70 -6.06
CA LYS A 50 -14.62 -3.60 -6.84
C LYS A 50 -15.97 -3.93 -6.16
N LYS A 51 -16.20 -3.41 -4.96
CA LYS A 51 -17.51 -3.56 -4.26
C LYS A 51 -17.78 -5.01 -3.91
N VAL A 52 -16.71 -5.75 -3.69
CA VAL A 52 -16.81 -7.16 -3.31
C VAL A 52 -16.97 -7.27 -1.82
N PRO A 53 -18.07 -7.90 -1.37
CA PRO A 53 -18.21 -8.07 0.08
C PRO A 53 -17.13 -8.99 0.62
N TYR A 54 -16.60 -8.66 1.78
CA TYR A 54 -15.58 -9.53 2.35
C TYR A 54 -15.57 -9.46 3.85
N GLU A 55 -15.08 -10.53 4.46
CA GLU A 55 -14.84 -10.57 5.89
C GLU A 55 -13.35 -10.35 6.13
N MET A 56 -13.04 -9.44 7.05
CA MET A 56 -11.65 -9.17 7.38
C MET A 56 -11.33 -9.75 8.76
N LYS A 57 -10.26 -10.53 8.83
CA LYS A 57 -9.74 -11.07 10.07
C LYS A 57 -8.44 -10.36 10.40
N LEU A 58 -8.39 -9.70 11.55
CA LEU A 58 -7.17 -9.05 11.98
C LEU A 58 -6.28 -10.00 12.75
N ILE A 59 -5.00 -10.01 12.39
CA ILE A 59 -4.03 -10.92 12.98
C ILE A 59 -3.01 -10.10 13.75
N ASP A 60 -2.84 -10.38 15.05
CA ASP A 60 -1.73 -9.82 15.80
C ASP A 60 -0.48 -10.59 15.39
N VAL A 61 0.39 -9.98 14.58
CA VAL A 61 1.49 -10.75 14.04
C VAL A 61 2.57 -11.02 15.09
N GLN A 62 2.41 -10.44 16.28
CA GLN A 62 3.27 -10.82 17.40
C GLN A 62 2.63 -11.85 18.33
N ASN A 63 1.40 -12.25 18.01
CA ASN A 63 0.71 -13.29 18.76
C ASN A 63 -0.26 -13.99 17.83
N LYS A 64 0.27 -14.72 16.86
CA LYS A 64 -0.61 -15.30 15.84
C LYS A 64 -1.43 -16.44 16.43
N PRO A 65 -2.72 -16.50 16.06
CA PRO A 65 -3.56 -17.59 16.59
C PRO A 65 -3.31 -18.91 15.87
N ASP A 66 -3.48 -20.06 16.52
CA ASP A 66 -3.09 -21.30 15.83
C ASP A 66 -3.95 -21.58 14.61
N TRP A 67 -5.20 -21.12 14.61
CA TRP A 67 -6.07 -21.39 13.48
C TRP A 67 -5.47 -20.72 12.26
N PHE A 68 -4.87 -19.55 12.49
CA PHE A 68 -4.22 -18.82 11.40
C PHE A 68 -2.93 -19.49 10.93
N LEU A 69 -2.13 -19.99 11.87
CA LEU A 69 -0.90 -20.70 11.52
C LEU A 69 -1.20 -21.95 10.71
N LYS A 70 -2.37 -22.53 10.93
CA LYS A 70 -2.72 -23.73 10.19
C LYS A 70 -2.97 -23.44 8.70
N ILE A 71 -3.55 -22.28 8.39
CA ILE A 71 -3.84 -21.96 7.00
C ILE A 71 -2.75 -21.09 6.38
N SER A 72 -1.87 -20.54 7.23
CA SER A 72 -0.75 -19.73 6.77
C SER A 72 0.50 -20.12 7.54
N PRO A 73 1.10 -21.26 7.20
CA PRO A 73 2.12 -21.90 8.04
C PRO A 73 3.39 -21.08 8.20
N GLU A 74 3.65 -20.16 7.29
CA GLU A 74 4.84 -19.33 7.40
C GLU A 74 4.51 -18.01 8.06
N GLY A 75 3.26 -17.87 8.50
CA GLY A 75 2.85 -16.64 9.16
C GLY A 75 2.61 -15.43 8.27
N LYS A 76 2.59 -15.68 6.96
CA LYS A 76 2.42 -14.62 5.98
C LYS A 76 1.06 -13.95 6.03
N VAL A 77 1.08 -12.63 5.95
CA VAL A 77 -0.11 -11.82 5.69
C VAL A 77 0.20 -10.76 4.66
N PRO A 78 -0.75 -10.42 3.79
CA PRO A 78 -2.14 -10.87 3.70
C PRO A 78 -2.28 -12.28 3.18
N VAL A 79 -3.33 -12.98 3.60
CA VAL A 79 -3.74 -14.16 2.84
C VAL A 79 -5.21 -14.03 2.52
N PHE A 80 -5.58 -14.58 1.37
CA PHE A 80 -6.90 -14.33 0.77
C PHE A 80 -7.61 -15.66 0.53
N ASN A 81 -8.88 -15.74 0.91
CA ASN A 81 -9.69 -16.92 0.61
C ASN A 81 -10.83 -16.47 -0.27
N GLY A 82 -10.80 -16.89 -1.54
CA GLY A 82 -11.77 -16.43 -2.50
C GLY A 82 -13.06 -17.23 -2.49
N GLY A 83 -13.23 -18.08 -1.47
CA GLY A 83 -14.37 -18.98 -1.42
C GLY A 83 -14.17 -20.30 -2.17
N ASP A 84 -12.93 -20.61 -2.51
CA ASP A 84 -12.65 -21.83 -3.26
C ASP A 84 -11.80 -22.82 -2.47
N GLY A 85 -11.88 -22.74 -1.15
CA GLY A 85 -11.28 -23.77 -0.31
C GLY A 85 -9.76 -23.70 -0.14
N LYS A 86 -9.20 -22.50 -0.28
CA LYS A 86 -7.76 -22.31 -0.04
C LYS A 86 -7.41 -20.88 0.30
N TRP A 87 -6.27 -20.69 0.96
CA TRP A 87 -5.78 -19.37 1.34
C TRP A 87 -4.52 -19.04 0.55
N ILE A 88 -4.49 -17.95 -0.22
CA ILE A 88 -3.29 -17.68 -1.00
C ILE A 88 -2.64 -16.38 -0.53
N PRO A 89 -1.30 -16.37 -0.51
CA PRO A 89 -0.50 -15.20 -0.13
C PRO A 89 -0.11 -14.34 -1.32
N ASP A 90 0.63 -13.24 -1.07
CA ASP A 90 1.29 -12.39 -2.07
C ASP A 90 0.31 -11.42 -2.70
N SER A 91 0.38 -10.14 -2.33
CA SER A 91 -0.64 -9.22 -2.84
C SER A 91 -0.64 -9.09 -4.37
N ASP A 92 0.49 -9.31 -5.03
CA ASP A 92 0.52 -9.32 -6.50
C ASP A 92 -0.47 -10.36 -7.04
N VAL A 93 -0.28 -11.57 -6.51
CA VAL A 93 -1.08 -12.70 -6.93
C VAL A 93 -2.53 -12.49 -6.54
N ILE A 94 -2.74 -12.06 -5.31
CA ILE A 94 -4.11 -11.91 -4.81
C ILE A 94 -4.89 -10.91 -5.67
N THR A 95 -4.26 -9.79 -6.00
CA THR A 95 -5.01 -8.79 -6.76
C THR A 95 -5.26 -9.28 -8.17
N GLN A 96 -4.35 -10.10 -8.72
CA GLN A 96 -4.68 -10.75 -10.00
C GLN A 96 -5.90 -11.71 -9.93
N VAL A 97 -5.95 -12.51 -8.88
CA VAL A 97 -7.08 -13.45 -8.67
C VAL A 97 -8.40 -12.68 -8.55
N ILE A 98 -8.36 -11.58 -7.79
CA ILE A 98 -9.56 -10.76 -7.67
C ILE A 98 -9.94 -10.15 -9.01
N GLU A 99 -8.96 -9.69 -9.77
CA GLU A 99 -9.23 -9.13 -11.09
C GLU A 99 -9.93 -10.14 -11.99
N GLU A 100 -9.50 -11.40 -11.93
CA GLU A 100 -10.04 -12.43 -12.81
C GLU A 100 -11.46 -12.82 -12.38
N LYS A 101 -11.70 -12.79 -11.08
CA LYS A 101 -12.97 -13.25 -10.54
C LYS A 101 -14.06 -12.19 -10.60
N TYR A 102 -13.63 -10.94 -10.51
CA TYR A 102 -14.53 -9.79 -10.51
C TYR A 102 -14.03 -8.75 -11.51
N PRO A 103 -14.32 -8.97 -12.80
CA PRO A 103 -13.74 -8.19 -13.88
C PRO A 103 -14.19 -6.72 -13.95
N THR A 104 -15.34 -6.37 -13.38
CA THR A 104 -15.89 -5.03 -13.52
C THR A 104 -16.12 -4.38 -12.15
N PRO A 105 -15.53 -3.20 -11.90
CA PRO A 105 -14.70 -2.36 -12.78
C PRO A 105 -13.37 -3.00 -13.09
N SER A 106 -12.89 -2.84 -14.31
CA SER A 106 -11.57 -3.34 -14.64
C SER A 106 -10.49 -2.51 -13.96
N LEU A 107 -9.56 -3.19 -13.28
CA LEU A 107 -8.42 -2.51 -12.69
C LEU A 107 -7.12 -2.94 -13.40
N VAL A 108 -7.24 -3.44 -14.63
CA VAL A 108 -6.04 -3.84 -15.33
C VAL A 108 -5.22 -2.61 -15.70
N THR A 109 -3.96 -2.61 -15.27
CA THR A 109 -3.02 -1.59 -15.71
C THR A 109 -2.25 -2.10 -16.92
N PRO A 110 -2.21 -1.31 -18.00
CA PRO A 110 -1.42 -1.70 -19.19
C PRO A 110 0.03 -1.99 -18.83
N PRO A 111 0.63 -3.04 -19.44
CA PRO A 111 1.97 -3.46 -19.06
C PRO A 111 3.01 -2.33 -19.18
N GLU A 112 2.76 -1.36 -20.05
CA GLU A 112 3.72 -0.28 -20.28
C GLU A 112 3.86 0.64 -19.07
N TYR A 113 2.87 0.62 -18.19
CA TYR A 113 2.90 1.49 -17.00
C TYR A 113 3.03 0.72 -15.70
N ALA A 114 3.22 -0.59 -15.79
CA ALA A 114 3.17 -1.42 -14.61
C ALA A 114 4.27 -1.08 -13.60
N SER A 115 5.39 -0.53 -14.08
CA SER A 115 6.51 -0.25 -13.21
C SER A 115 6.60 1.23 -12.84
N VAL A 116 5.59 2.01 -13.22
CA VAL A 116 5.54 3.41 -12.82
C VAL A 116 5.56 3.49 -11.28
N GLY A 117 6.53 4.22 -10.75
CA GLY A 117 6.66 4.39 -9.31
C GLY A 117 7.26 3.22 -8.54
N SER A 118 7.83 2.27 -9.27
CA SER A 118 8.18 0.98 -8.67
C SER A 118 9.35 1.03 -7.68
N LYS A 119 10.17 2.08 -7.76
CA LYS A 119 11.31 2.20 -6.85
C LYS A 119 11.09 3.22 -5.74
N ILE A 120 9.91 3.82 -5.70
CA ILE A 120 9.67 4.85 -4.69
C ILE A 120 9.73 4.31 -3.26
N PHE A 121 9.07 3.18 -3.00
CA PHE A 121 9.02 2.65 -1.63
C PHE A 121 10.40 2.26 -1.10
N SER A 122 11.20 1.54 -1.89
CA SER A 122 12.50 1.09 -1.43
C SER A 122 13.42 2.29 -1.16
N CYS A 123 13.31 3.29 -2.03
CA CYS A 123 14.10 4.50 -1.86
C CYS A 123 13.63 5.23 -0.59
N PHE A 124 12.31 5.24 -0.35
CA PHE A 124 11.79 5.90 0.82
C PHE A 124 12.33 5.21 2.07
N THR A 125 12.37 3.88 2.08
CA THR A 125 12.73 3.18 3.31
C THR A 125 14.21 3.42 3.59
N THR A 126 15.01 3.44 2.52
CA THR A 126 16.45 3.70 2.68
C THR A 126 16.70 5.10 3.22
N PHE A 127 15.98 6.09 2.70
CA PHE A 127 16.12 7.46 3.18
C PHE A 127 15.63 7.58 4.64
N LEU A 128 14.49 6.97 4.95
CA LEU A 128 13.96 6.98 6.32
C LEU A 128 14.97 6.44 7.32
N LYS A 129 15.59 5.31 6.99
CA LYS A 129 16.50 4.63 7.91
C LYS A 129 17.91 5.23 7.92
N SER A 130 18.19 6.11 6.97
CA SER A 130 19.53 6.69 6.87
C SER A 130 19.80 7.69 7.99
N LYS A 131 20.95 7.54 8.64
CA LYS A 131 21.39 8.54 9.62
C LYS A 131 22.64 9.24 9.13
N ASP A 132 22.70 9.48 7.82
CA ASP A 132 23.70 10.35 7.21
C ASP A 132 23.02 11.20 6.16
N PRO A 133 22.85 12.50 6.45
CA PRO A 133 22.17 13.48 5.58
C PRO A 133 22.80 13.62 4.20
N ASN A 134 24.00 13.07 4.00
CA ASN A 134 24.76 13.29 2.78
C ASN A 134 25.02 12.04 1.94
N ASP A 135 24.30 10.95 2.23
CA ASP A 135 24.64 9.67 1.60
C ASP A 135 23.91 9.44 0.27
N GLY A 136 23.16 10.44 -0.18
CA GLY A 136 22.51 10.37 -1.48
C GLY A 136 21.19 9.64 -1.50
N SER A 137 20.69 9.25 -0.33
CA SER A 137 19.41 8.54 -0.26
C SER A 137 18.23 9.46 -0.60
N GLU A 138 18.34 10.71 -0.13
CA GLU A 138 17.33 11.70 -0.44
C GLU A 138 17.28 11.91 -1.95
N LYS A 139 18.44 12.09 -2.56
CA LYS A 139 18.49 12.37 -3.99
C LYS A 139 17.87 11.24 -4.82
N ALA A 140 18.15 10.00 -4.44
CA ALA A 140 17.59 8.84 -5.12
C ALA A 140 16.06 8.87 -5.06
N LEU A 141 15.55 9.12 -3.84
CA LEU A 141 14.10 9.19 -3.68
C LEU A 141 13.51 10.29 -4.58
N LEU A 142 14.15 11.44 -4.59
CA LEU A 142 13.67 12.55 -5.40
C LEU A 142 13.67 12.19 -6.89
N THR A 143 14.68 11.46 -7.34
CA THR A 143 14.73 11.07 -8.74
C THR A 143 13.50 10.23 -9.09
N GLU A 144 13.13 9.33 -8.19
CA GLU A 144 11.95 8.49 -8.46
C GLU A 144 10.63 9.27 -8.40
N LEU A 145 10.52 10.18 -7.44
CA LEU A 145 9.33 11.03 -7.37
C LEU A 145 9.19 11.91 -8.62
N GLN A 146 10.31 12.44 -9.10
CA GLN A 146 10.28 13.26 -10.31
C GLN A 146 9.85 12.42 -11.54
N ALA A 147 10.27 11.16 -11.58
CA ALA A 147 9.80 10.29 -12.66
C ALA A 147 8.28 10.09 -12.58
N LEU A 148 7.78 9.89 -11.37
CA LEU A 148 6.33 9.80 -11.19
C LEU A 148 5.63 11.09 -11.65
N GLU A 149 6.20 12.23 -11.27
CA GLU A 149 5.65 13.52 -11.67
C GLU A 149 5.51 13.63 -13.19
N GLU A 150 6.59 13.30 -13.92
CA GLU A 150 6.53 13.39 -15.38
C GLU A 150 5.49 12.43 -15.96
N HIS A 151 5.41 11.22 -15.41
CA HIS A 151 4.40 10.30 -15.91
C HIS A 151 2.98 10.82 -15.71
N LEU A 152 2.68 11.27 -14.49
CA LEU A 152 1.34 11.77 -14.19
C LEU A 152 1.00 13.00 -15.02
N LYS A 153 2.00 13.84 -15.25
CA LYS A 153 1.85 15.01 -16.09
C LYS A 153 1.41 14.61 -17.49
N ALA A 154 2.02 13.57 -18.04
CA ALA A 154 1.69 13.19 -19.42
C ALA A 154 0.48 12.26 -19.56
N HIS A 155 0.15 11.52 -18.51
CA HIS A 155 -0.85 10.45 -18.61
C HIS A 155 -1.82 10.36 -17.43
N GLY A 156 -1.89 11.40 -16.60
CA GLY A 156 -2.76 11.38 -15.43
C GLY A 156 -4.24 11.46 -15.76
N PRO A 157 -5.11 11.64 -14.76
CA PRO A 157 -4.82 11.87 -13.33
C PRO A 157 -4.42 10.62 -12.56
N PHE A 158 -4.82 9.43 -13.02
CA PHE A 158 -4.37 8.18 -12.40
C PHE A 158 -3.18 7.64 -13.20
N ILE A 159 -2.58 6.55 -12.77
CA ILE A 159 -1.42 6.03 -13.49
C ILE A 159 -1.81 5.66 -14.94
N ASN A 160 -3.03 5.19 -15.14
CA ASN A 160 -3.50 4.87 -16.49
C ASN A 160 -4.57 5.85 -17.00
N GLY A 161 -4.45 7.12 -16.63
CA GLY A 161 -5.38 8.11 -17.13
C GLY A 161 -6.69 8.26 -16.37
N GLN A 162 -7.80 8.09 -17.07
CA GLN A 162 -9.10 8.50 -16.56
C GLN A 162 -9.64 7.60 -15.45
N ASN A 163 -9.31 6.31 -15.55
CA ASN A 163 -9.87 5.32 -14.66
C ASN A 163 -8.82 4.78 -13.71
N ILE A 164 -9.22 4.53 -12.47
CA ILE A 164 -8.30 4.00 -11.49
C ILE A 164 -7.93 2.57 -11.88
N SER A 165 -6.73 2.13 -11.53
CA SER A 165 -6.36 0.75 -11.85
C SER A 165 -5.41 0.17 -10.79
N ALA A 166 -5.00 -1.08 -11.01
CA ALA A 166 -4.21 -1.81 -10.03
C ALA A 166 -2.98 -1.03 -9.58
N ALA A 167 -2.31 -0.35 -10.52
CA ALA A 167 -1.05 0.31 -10.20
C ALA A 167 -1.26 1.37 -9.14
N ASP A 168 -2.41 2.05 -9.21
CA ASP A 168 -2.77 3.04 -8.22
C ASP A 168 -2.96 2.42 -6.85
N LEU A 169 -3.61 1.26 -6.81
CA LEU A 169 -3.93 0.66 -5.52
C LEU A 169 -2.69 0.02 -4.90
N SER A 170 -1.68 -0.24 -5.71
CA SER A 170 -0.39 -0.71 -5.21
C SER A 170 0.45 0.47 -4.72
N LEU A 171 0.49 1.54 -5.49
CA LEU A 171 1.36 2.67 -5.17
C LEU A 171 0.83 3.57 -4.02
N ALA A 172 -0.47 3.85 -4.00
CA ALA A 172 -1.00 4.80 -3.01
C ALA A 172 -0.68 4.41 -1.54
N PRO A 173 -0.86 3.13 -1.16
CA PRO A 173 -0.49 2.74 0.23
C PRO A 173 0.98 3.06 0.58
N LYS A 174 1.86 2.88 -0.42
CA LYS A 174 3.29 3.09 -0.23
C LYS A 174 3.59 4.59 -0.12
N LEU A 175 2.91 5.41 -0.92
CA LEU A 175 3.07 6.86 -0.79
C LEU A 175 2.55 7.37 0.54
N TYR A 176 1.51 6.72 1.08
CA TYR A 176 0.99 7.11 2.40
C TYR A 176 2.07 6.91 3.46
N HIS A 177 2.73 5.75 3.42
CA HIS A 177 3.87 5.53 4.33
C HIS A 177 4.93 6.60 4.18
N LEU A 178 5.28 6.86 2.92
CA LEU A 178 6.30 7.87 2.63
C LEU A 178 5.95 9.20 3.30
N GLN A 179 4.77 9.71 2.99
CA GLN A 179 4.34 11.01 3.50
C GLN A 179 4.34 11.07 5.03
N VAL A 180 3.65 10.12 5.65
CA VAL A 180 3.49 10.16 7.10
C VAL A 180 4.81 9.95 7.82
N ALA A 181 5.55 8.91 7.43
CA ALA A 181 6.80 8.58 8.13
C ALA A 181 7.87 9.63 7.91
N LEU A 182 8.03 10.12 6.67
CA LEU A 182 9.10 11.09 6.47
C LEU A 182 8.75 12.39 7.15
N GLU A 183 7.48 12.78 7.15
CA GLU A 183 7.19 14.02 7.86
C GLU A 183 7.45 13.84 9.36
N HIS A 184 6.99 12.73 9.94
CA HIS A 184 7.15 12.55 11.37
C HIS A 184 8.60 12.43 11.80
N PHE A 185 9.33 11.52 11.17
CA PHE A 185 10.66 11.18 11.68
C PHE A 185 11.73 12.13 11.16
N LYS A 186 11.53 12.74 10.00
CA LYS A 186 12.59 13.62 9.48
C LYS A 186 12.15 15.03 9.15
N GLY A 187 10.86 15.32 9.30
CA GLY A 187 10.35 16.65 8.96
C GLY A 187 10.45 16.95 7.46
N TRP A 188 10.39 15.89 6.65
CA TRP A 188 10.62 15.99 5.21
C TRP A 188 9.31 15.83 4.43
N LYS A 189 9.11 16.69 3.44
CA LYS A 189 7.91 16.62 2.60
C LYS A 189 8.27 16.53 1.13
N ILE A 190 7.43 15.85 0.34
CA ILE A 190 7.56 15.90 -1.11
C ILE A 190 7.51 17.35 -1.57
N PRO A 191 8.56 17.79 -2.28
CA PRO A 191 8.65 19.20 -2.69
C PRO A 191 7.38 19.71 -3.34
N GLU A 192 6.98 20.94 -2.99
CA GLU A 192 5.73 21.47 -3.51
C GLU A 192 5.74 21.63 -5.02
N ASP A 193 6.93 21.66 -5.64
CA ASP A 193 6.98 21.86 -7.08
C ASP A 193 6.60 20.60 -7.87
N LEU A 194 6.52 19.45 -7.18
CA LEU A 194 5.94 18.26 -7.79
C LEU A 194 4.42 18.31 -7.61
N THR A 195 3.77 19.14 -8.43
CA THR A 195 2.36 19.46 -8.26
C THR A 195 1.44 18.32 -8.66
N ASN A 196 1.84 17.54 -9.67
CA ASN A 196 1.02 16.39 -10.07
C ASN A 196 1.07 15.28 -9.05
N VAL A 197 2.24 15.07 -8.43
CA VAL A 197 2.34 14.07 -7.37
C VAL A 197 1.47 14.47 -6.17
N HIS A 198 1.50 15.76 -5.82
CA HIS A 198 0.64 16.24 -4.73
C HIS A 198 -0.85 16.11 -5.05
N ALA A 199 -1.22 16.41 -6.29
CA ALA A 199 -2.62 16.23 -6.68
C ALA A 199 -3.00 14.76 -6.58
N TYR A 200 -2.06 13.91 -6.99
CA TYR A 200 -2.26 12.46 -6.99
C TYR A 200 -2.48 11.94 -5.58
N THR A 201 -1.61 12.32 -4.64
CA THR A 201 -1.76 11.77 -3.28
C THR A 201 -3.00 12.37 -2.58
N GLU A 202 -3.30 13.65 -2.84
CA GLU A 202 -4.50 14.23 -2.24
C GLU A 202 -5.76 13.49 -2.72
N ALA A 203 -5.80 13.20 -4.03
CA ALA A 203 -6.94 12.49 -4.59
C ALA A 203 -7.04 11.05 -4.08
N LEU A 204 -5.95 10.29 -4.13
CA LEU A 204 -6.03 8.88 -3.73
C LEU A 204 -6.31 8.75 -2.23
N PHE A 205 -5.65 9.56 -1.42
CA PHE A 205 -5.80 9.41 0.03
C PHE A 205 -7.20 9.81 0.50
N SER A 206 -7.90 10.66 -0.26
CA SER A 206 -9.25 11.06 0.18
C SER A 206 -10.36 10.17 -0.40
N ARG A 207 -10.02 9.17 -1.21
CA ARG A 207 -11.04 8.22 -1.67
C ARG A 207 -11.65 7.47 -0.50
N GLU A 208 -12.96 7.24 -0.55
CA GLU A 208 -13.63 6.49 0.51
C GLU A 208 -12.93 5.17 0.86
N SER A 209 -12.46 4.46 -0.17
CA SER A 209 -11.81 3.18 0.07
C SER A 209 -10.51 3.35 0.85
N PHE A 210 -9.81 4.46 0.56
CA PHE A 210 -8.53 4.67 1.20
C PHE A 210 -8.72 5.03 2.67
N ILE A 211 -9.67 5.91 2.92
CA ILE A 211 -9.95 6.31 4.30
C ILE A 211 -10.35 5.08 5.11
N LYS A 212 -11.14 4.20 4.48
CA LYS A 212 -11.65 3.02 5.19
C LYS A 212 -10.53 2.00 5.49
N THR A 213 -9.52 1.93 4.64
CA THR A 213 -8.57 0.83 4.75
C THR A 213 -7.17 1.23 5.19
N LYS A 214 -6.94 2.50 5.46
CA LYS A 214 -5.61 2.94 5.91
C LYS A 214 -5.45 2.79 7.41
N ALA A 215 -4.20 2.73 7.85
CA ALA A 215 -3.89 2.75 9.30
C ALA A 215 -3.99 4.18 9.81
N ALA A 216 -4.51 4.33 11.03
CA ALA A 216 -4.37 5.59 11.72
C ALA A 216 -2.89 5.96 11.77
N LYS A 217 -2.56 7.25 11.62
CA LYS A 217 -1.16 7.61 11.47
C LYS A 217 -0.32 7.23 12.68
N GLU A 218 -0.91 7.29 13.87
CA GLU A 218 -0.10 7.00 15.05
C GLU A 218 0.34 5.54 15.03
N HIS A 219 -0.47 4.67 14.43
CA HIS A 219 -0.14 3.23 14.39
C HIS A 219 0.94 2.94 13.35
N LEU A 220 0.91 3.67 12.24
CA LEU A 220 1.93 3.55 11.21
C LEU A 220 3.27 4.04 11.75
N ILE A 221 3.24 5.18 12.45
CA ILE A 221 4.40 5.71 13.13
C ILE A 221 4.94 4.73 14.17
N ALA A 222 4.05 4.11 14.95
CA ALA A 222 4.49 3.11 15.93
C ALA A 222 5.11 1.90 15.24
N GLY A 223 4.58 1.52 14.09
CA GLY A 223 5.16 0.44 13.31
C GLY A 223 6.58 0.75 12.88
N TRP A 224 6.82 1.97 12.45
CA TRP A 224 8.16 2.31 11.95
C TRP A 224 9.18 2.65 13.03
N ALA A 225 8.70 3.04 14.21
CA ALA A 225 9.60 3.58 15.23
C ALA A 225 10.76 2.66 15.62
N PRO A 226 10.51 1.37 15.87
CA PRO A 226 11.69 0.56 16.24
C PRO A 226 12.67 0.31 15.09
N LYS A 227 12.25 0.61 13.86
CA LYS A 227 13.10 0.37 12.69
C LYS A 227 13.91 1.60 12.31
N VAL A 228 13.49 2.75 12.81
CA VAL A 228 14.18 4.02 12.55
C VAL A 228 15.32 4.20 13.53
N ASN A 229 15.14 3.69 14.74
CA ASN A 229 16.16 3.81 15.78
C ASN A 229 16.71 2.45 16.18
#